data_3B43
#
_entry.id   3B43
#
_cell.length_a   141.430
_cell.length_b   141.430
_cell.length_c   166.010
_cell.angle_alpha   90.000
_cell.angle_beta   90.000
_cell.angle_gamma   120.000
#
_symmetry.space_group_name_H-M   'P 65 2 2'
#
_entity_poly.entity_id   1
_entity_poly.type   'polypeptide(L)'
_entity_poly.pdbx_seq_one_letter_code
;GAMEPPYFIEPLEHVEAAIGEPITLQCKVDGTPEIRIAWYKEHTKLRSAPAYKMQFKNNVASLVINKVDHSDVGEYTCKA
ENSVGAVASSAVLVIKERKLPPSFARKLKDVHETLGFPVAFECRINGSEPLQVSWYKDGELLKDDANLQTSFIHNVATLQ
ILQTDQSHVGQYNCSASNPLGTASSSAKLTLSEHEVPPFFDLKPVSVDLALGESGTFKCHVTGTAPIKITWAKDNREIRP
GGNYKMTLVENTATLTVLKVTKGDAGQYTCYASNVAGKDSCSAQLGVQEPPRFIKKLEPSRIVKQDEHTRYECKIGGSPE
IKVLWYKDETEIQESSKFRMSFVESVAVLEMYNLSVEDSGDYTCEAHNAAGSASSSTSLKVKEPPVFRKKPHPVETLKGA
DVHLECELQGTPPFQVSWHKDKRELRSGKKYKIMSENFLTSIHILNVDSADIGEYQCKASNDVGSDTCVGSITLKAPPRF
VKKLSDISTVVGEEVQLQATIEGAEPISVAWFKDKGEIVRESDNIWISYSENIATLQFSRAEPANAGKYTCQIKNEAGTQ
ECFATLSVLE
;
_entity_poly.pdbx_strand_id   A
#
# COMPACT_ATOMS: atom_id res chain seq x y z
N ALA A 2 -76.98 19.23 53.63
CA ALA A 2 -76.87 20.67 53.60
C ALA A 2 -78.01 21.32 54.39
N MET A 3 -77.68 21.94 55.52
CA MET A 3 -76.32 22.01 56.06
C MET A 3 -76.23 21.17 57.32
N GLU A 4 -75.34 20.18 57.34
CA GLU A 4 -75.33 19.17 58.40
C GLU A 4 -73.99 18.96 59.12
N PRO A 5 -74.05 18.24 60.27
CA PRO A 5 -72.88 17.60 60.88
C PRO A 5 -72.68 16.29 60.15
N PRO A 6 -71.42 15.85 60.00
CA PRO A 6 -71.17 14.68 59.14
C PRO A 6 -72.04 13.49 59.56
N TYR A 7 -72.13 12.47 58.71
CA TYR A 7 -72.87 11.25 59.02
C TYR A 7 -72.42 10.07 58.18
N PHE A 8 -72.73 8.88 58.67
CA PHE A 8 -72.27 7.66 58.01
C PHE A 8 -73.29 7.08 57.04
N ILE A 9 -72.89 7.01 55.79
CA ILE A 9 -73.62 6.24 54.78
C ILE A 9 -73.32 4.77 55.06
N GLU A 10 -72.04 4.45 55.14
CA GLU A 10 -71.57 3.14 55.55
C GLU A 10 -70.62 3.31 56.73
N PRO A 11 -70.97 2.68 57.87
CA PRO A 11 -70.18 2.75 59.09
C PRO A 11 -69.04 1.73 59.11
N LEU A 12 -68.15 1.86 60.08
CA LEU A 12 -67.15 0.85 60.28
C LEU A 12 -67.84 -0.47 60.61
N GLU A 13 -67.30 -1.56 60.08
CA GLU A 13 -67.82 -2.90 60.35
C GLU A 13 -66.75 -3.86 60.85
N HIS A 14 -67.19 -4.89 61.56
CA HIS A 14 -66.31 -5.93 62.05
C HIS A 14 -65.50 -6.54 60.92
N VAL A 15 -64.19 -6.63 61.13
CA VAL A 15 -63.30 -7.21 60.13
C VAL A 15 -62.43 -8.36 60.67
N GLU A 16 -62.25 -9.40 59.85
CA GLU A 16 -61.32 -10.49 60.15
C GLU A 16 -60.12 -10.38 59.23
N ALA A 17 -58.95 -10.14 59.79
CA ALA A 17 -57.76 -9.96 58.97
C ALA A 17 -56.82 -11.15 59.11
N ALA A 18 -56.15 -11.50 58.01
CA ALA A 18 -55.14 -12.55 58.05
C ALA A 18 -53.84 -11.93 58.54
N ILE A 19 -53.13 -12.62 59.42
CA ILE A 19 -51.86 -12.11 59.94
C ILE A 19 -50.79 -11.97 58.87
N GLY A 20 -49.98 -10.93 59.01
CA GLY A 20 -48.87 -10.72 58.12
C GLY A 20 -49.23 -10.03 56.83
N GLU A 21 -50.54 -9.88 56.61
CA GLU A 21 -51.01 -9.24 55.40
C GLU A 21 -51.81 -7.99 55.72
N PRO A 22 -51.70 -6.99 54.85
CA PRO A 22 -52.34 -5.68 55.01
C PRO A 22 -53.85 -5.79 54.91
N ILE A 23 -54.54 -5.15 55.85
CA ILE A 23 -55.99 -5.05 55.79
C ILE A 23 -56.35 -3.61 55.47
N THR A 24 -57.61 -3.40 55.12
CA THR A 24 -58.11 -2.07 54.83
C THR A 24 -59.51 -1.89 55.42
N LEU A 25 -59.61 -1.01 56.40
CA LEU A 25 -60.89 -0.68 57.02
C LEU A 25 -61.47 0.56 56.33
N GLN A 26 -62.78 0.74 56.45
CA GLN A 26 -63.39 1.91 55.82
C GLN A 26 -64.88 2.15 56.13
N CYS A 27 -65.33 3.34 55.74
CA CYS A 27 -66.68 3.79 56.00
C CYS A 27 -66.96 4.96 55.07
N LYS A 28 -68.21 5.16 54.68
CA LYS A 28 -68.56 6.31 53.86
C LYS A 28 -69.23 7.37 54.69
N VAL A 29 -68.91 8.62 54.38
CA VAL A 29 -69.39 9.73 55.18
C VAL A 29 -69.80 10.88 54.29
N ASP A 30 -71.06 11.31 54.42
CA ASP A 30 -71.56 12.48 53.70
C ASP A 30 -71.71 13.65 54.68
N GLY A 31 -72.04 14.82 54.16
CA GLY A 31 -72.28 15.99 55.00
C GLY A 31 -71.58 17.26 54.54
N THR A 32 -71.83 18.35 55.27
CA THR A 32 -71.27 19.66 54.99
C THR A 32 -69.76 19.66 54.74
N PRO A 33 -69.34 20.20 53.59
CA PRO A 33 -67.95 20.31 53.14
C PRO A 33 -66.96 20.69 54.24
N GLU A 34 -65.74 20.17 54.10
CA GLU A 34 -64.68 20.33 55.09
C GLU A 34 -64.87 19.36 56.25
N ILE A 35 -65.05 18.10 55.90
CA ILE A 35 -65.18 17.02 56.88
C ILE A 35 -63.82 16.37 57.15
N ARG A 36 -63.43 16.26 58.41
CA ARG A 36 -62.14 15.71 58.75
C ARG A 36 -62.28 14.48 59.63
N ILE A 37 -61.62 13.41 59.22
CA ILE A 37 -61.71 12.15 59.93
C ILE A 37 -60.45 11.87 60.75
N ALA A 38 -60.67 11.34 61.95
CA ALA A 38 -59.60 10.87 62.79
C ALA A 38 -59.90 9.43 63.15
N TRP A 39 -58.86 8.60 63.17
CA TRP A 39 -59.01 7.19 63.51
C TRP A 39 -58.43 6.93 64.91
N TYR A 40 -58.90 5.87 65.56
CA TYR A 40 -58.54 5.62 66.95
C TYR A 40 -58.44 4.15 67.31
N LYS A 41 -57.84 3.85 68.46
CA LYS A 41 -58.11 2.60 69.16
C LYS A 41 -58.83 2.92 70.48
N GLU A 42 -60.06 3.44 70.32
CA GLU A 42 -60.75 4.29 71.32
C GLU A 42 -59.78 5.00 72.27
N HIS A 43 -59.15 4.24 73.16
CA HIS A 43 -58.18 4.79 74.12
C HIS A 43 -56.95 5.41 73.44
N THR A 44 -57.08 5.81 72.18
CA THR A 44 -55.97 6.43 71.49
C THR A 44 -56.31 6.86 70.07
N LYS A 45 -55.78 8.00 69.67
CA LYS A 45 -55.94 8.48 68.31
C LYS A 45 -54.81 7.96 67.46
N LEU A 46 -55.14 7.47 66.28
CA LEU A 46 -54.12 7.01 65.37
C LEU A 46 -53.48 8.20 64.67
N ARG A 47 -52.17 8.21 64.65
CA ARG A 47 -51.42 9.17 63.86
C ARG A 47 -50.84 8.41 62.67
N SER A 48 -50.72 9.08 61.53
CA SER A 48 -50.22 8.40 60.33
C SER A 48 -48.74 8.10 60.49
N ALA A 49 -48.27 7.10 59.76
CA ALA A 49 -46.94 6.55 59.97
C ALA A 49 -46.64 5.47 58.94
N PRO A 50 -45.45 4.86 59.05
CA PRO A 50 -45.06 3.69 58.25
C PRO A 50 -46.14 2.62 58.21
N ALA A 51 -46.74 2.32 59.36
CA ALA A 51 -47.72 1.23 59.45
C ALA A 51 -49.12 1.63 58.99
N TYR A 52 -49.49 2.88 59.23
CA TYR A 52 -50.84 3.34 58.93
C TYR A 52 -50.89 4.22 57.71
N LYS A 53 -51.86 3.96 56.85
CA LYS A 53 -52.03 4.73 55.63
C LYS A 53 -53.49 5.12 55.50
N MET A 54 -53.79 6.35 55.88
CA MET A 54 -55.16 6.81 55.98
C MET A 54 -55.52 7.82 54.89
N GLN A 55 -56.65 7.58 54.23
CA GLN A 55 -57.08 8.43 53.13
C GLN A 55 -58.53 8.90 53.26
N PHE A 56 -58.93 9.81 52.37
CA PHE A 56 -60.31 10.29 52.32
C PHE A 56 -60.68 10.88 50.96
N LYS A 57 -60.62 10.04 49.92
CA LYS A 57 -61.15 10.43 48.61
C LYS A 57 -62.64 10.12 48.56
N ASN A 58 -63.33 10.66 47.57
CA ASN A 58 -64.78 10.61 47.56
C ASN A 58 -65.29 10.82 48.98
N ASN A 59 -66.33 10.08 49.36
CA ASN A 59 -66.86 10.21 50.70
C ASN A 59 -66.42 9.04 51.57
N VAL A 60 -65.46 8.28 51.07
CA VAL A 60 -64.97 7.09 51.77
C VAL A 60 -63.67 7.33 52.52
N ALA A 61 -63.68 7.03 53.81
CA ALA A 61 -62.50 7.17 54.63
C ALA A 61 -61.92 5.77 54.83
N SER A 62 -60.61 5.64 54.73
CA SER A 62 -60.02 4.32 54.83
C SER A 62 -58.70 4.27 55.59
N LEU A 63 -58.61 3.34 56.54
CA LEU A 63 -57.36 3.06 57.22
C LEU A 63 -56.71 1.87 56.54
N VAL A 64 -55.43 1.97 56.24
CA VAL A 64 -54.74 0.87 55.61
C VAL A 64 -53.59 0.36 56.46
N ILE A 65 -53.84 -0.75 57.12
CA ILE A 65 -52.84 -1.39 57.95
C ILE A 65 -51.90 -2.18 57.05
N ASN A 66 -50.67 -1.72 56.95
CA ASN A 66 -49.77 -2.20 55.91
C ASN A 66 -49.34 -3.65 56.11
N LYS A 67 -49.45 -4.11 57.34
CA LYS A 67 -49.26 -5.51 57.66
C LYS A 67 -49.84 -5.77 59.05
N VAL A 68 -50.74 -6.73 59.13
CA VAL A 68 -51.46 -7.00 60.38
C VAL A 68 -50.63 -7.81 61.36
N ASP A 69 -50.67 -7.41 62.63
CA ASP A 69 -50.01 -8.15 63.69
C ASP A 69 -50.86 -8.08 64.94
N HIS A 70 -50.53 -8.91 65.93
CA HIS A 70 -51.39 -9.08 67.09
C HIS A 70 -51.77 -7.77 67.74
N SER A 71 -50.97 -6.72 67.51
CA SER A 71 -51.21 -5.44 68.19
C SER A 71 -52.36 -4.69 67.54
N ASP A 72 -52.68 -5.08 66.30
CA ASP A 72 -53.70 -4.40 65.52
C ASP A 72 -55.11 -4.92 65.85
N VAL A 73 -55.19 -6.09 66.47
CA VAL A 73 -56.48 -6.60 66.93
C VAL A 73 -57.05 -5.59 67.93
N GLY A 74 -58.38 -5.47 68.00
CA GLY A 74 -59.00 -4.59 68.96
C GLY A 74 -60.14 -3.75 68.43
N GLU A 75 -60.36 -2.57 69.04
CA GLU A 75 -61.47 -1.72 68.64
C GLU A 75 -61.02 -0.43 67.97
N TYR A 76 -61.52 -0.22 66.75
CA TYR A 76 -61.19 0.95 65.98
C TYR A 76 -62.35 1.92 65.94
N THR A 77 -62.05 3.20 65.78
CA THR A 77 -63.06 4.25 65.72
C THR A 77 -62.74 5.28 64.64
N CYS A 78 -63.70 5.56 63.77
CA CYS A 78 -63.54 6.61 62.77
C CYS A 78 -64.42 7.78 63.18
N LYS A 79 -63.84 8.98 63.23
CA LYS A 79 -64.57 10.14 63.69
C LYS A 79 -64.52 11.25 62.65
N ALA A 80 -65.64 11.48 61.97
CA ALA A 80 -65.73 12.56 60.99
C ALA A 80 -66.15 13.85 61.69
N GLU A 81 -65.57 14.97 61.28
CA GLU A 81 -65.87 16.28 61.87
C GLU A 81 -66.04 17.37 60.83
N ASN A 82 -67.07 18.17 61.00
CA ASN A 82 -67.18 19.46 60.31
C ASN A 82 -67.60 20.55 61.29
N SER A 83 -67.44 21.80 60.87
CA SER A 83 -67.72 22.95 61.74
C SER A 83 -69.09 22.93 62.41
N VAL A 84 -69.93 21.97 62.02
CA VAL A 84 -71.29 21.86 62.57
C VAL A 84 -71.38 20.82 63.68
N GLY A 85 -70.64 19.72 63.51
CA GLY A 85 -70.69 18.63 64.47
C GLY A 85 -69.80 17.44 64.11
N ALA A 86 -70.00 16.34 64.83
CA ALA A 86 -69.15 15.18 64.63
C ALA A 86 -69.89 13.87 64.89
N VAL A 87 -69.52 12.85 64.11
CA VAL A 87 -70.05 11.51 64.29
C VAL A 87 -68.85 10.58 64.44
N ALA A 88 -69.04 9.45 65.11
CA ALA A 88 -67.97 8.46 65.18
C ALA A 88 -68.52 7.04 65.22
N SER A 89 -67.89 6.16 64.45
CA SER A 89 -68.31 4.77 64.33
C SER A 89 -67.17 3.84 64.70
N SER A 90 -67.43 2.88 65.57
CA SER A 90 -66.41 1.92 65.95
C SER A 90 -66.75 0.50 65.50
N ALA A 91 -65.72 -0.27 65.16
CA ALA A 91 -65.88 -1.69 64.90
C ALA A 91 -64.60 -2.40 65.32
N VAL A 92 -64.60 -3.72 65.21
CA VAL A 92 -63.49 -4.51 65.74
C VAL A 92 -62.70 -5.30 64.69
N LEU A 93 -61.37 -5.18 64.74
CA LEU A 93 -60.50 -6.01 63.93
C LEU A 93 -60.05 -7.25 64.69
N VAL A 94 -60.19 -8.39 64.04
CA VAL A 94 -59.93 -9.67 64.67
C VAL A 94 -59.12 -10.56 63.74
N ILE A 95 -58.30 -11.42 64.32
CA ILE A 95 -57.42 -12.27 63.53
C ILE A 95 -58.16 -13.45 62.93
N LYS A 96 -57.84 -13.76 61.69
CA LYS A 96 -58.36 -14.94 61.05
C LYS A 96 -57.57 -16.11 61.60
N GLU A 97 -58.10 -16.74 62.65
CA GLU A 97 -57.41 -17.86 63.31
C GLU A 97 -57.68 -19.17 62.59
N ARG A 98 -57.05 -19.34 61.43
CA ARG A 98 -57.32 -20.48 60.57
C ARG A 98 -56.46 -21.70 60.93
N LYS A 99 -56.82 -22.83 60.34
CA LYS A 99 -56.18 -24.11 60.60
C LYS A 99 -56.28 -24.98 59.36
N LEU A 100 -55.16 -25.26 58.71
CA LEU A 100 -55.18 -25.94 57.41
C LEU A 100 -54.33 -27.20 57.33
N PRO A 101 -54.84 -28.22 56.62
CA PRO A 101 -54.11 -29.45 56.33
C PRO A 101 -52.91 -29.18 55.41
N PRO A 102 -52.00 -30.17 55.33
CA PRO A 102 -50.79 -30.03 54.52
C PRO A 102 -51.12 -29.85 53.04
N SER A 103 -50.21 -29.22 52.30
CA SER A 103 -50.39 -29.00 50.87
C SER A 103 -49.04 -28.63 50.25
N PHE A 104 -48.64 -29.34 49.20
CA PHE A 104 -47.45 -29.00 48.42
C PHE A 104 -47.74 -27.76 47.58
N ALA A 105 -46.75 -26.89 47.48
CA ALA A 105 -46.91 -25.66 46.72
C ALA A 105 -46.75 -25.91 45.21
N ARG A 106 -45.88 -26.86 44.86
CA ARG A 106 -45.64 -27.27 43.49
C ARG A 106 -45.17 -28.72 43.58
N LYS A 107 -45.41 -29.50 42.54
CA LYS A 107 -45.00 -30.91 42.56
C LYS A 107 -43.51 -31.11 42.87
N LEU A 108 -43.21 -32.19 43.60
CA LEU A 108 -41.84 -32.61 43.82
C LEU A 108 -41.21 -32.77 42.45
N LYS A 109 -40.35 -31.82 42.08
CA LYS A 109 -39.70 -31.83 40.78
C LYS A 109 -38.74 -33.01 40.64
N ASP A 110 -38.75 -33.64 39.47
CA ASP A 110 -37.78 -34.67 39.13
C ASP A 110 -36.38 -34.11 39.09
N VAL A 111 -35.41 -35.00 39.29
CA VAL A 111 -34.01 -34.64 39.39
C VAL A 111 -33.21 -35.53 38.44
N HIS A 112 -32.31 -34.92 37.66
CA HIS A 112 -31.54 -35.67 36.68
C HIS A 112 -30.07 -35.37 36.80
N GLU A 113 -29.43 -35.89 37.83
CA GLU A 113 -28.03 -35.58 38.06
C GLU A 113 -27.09 -36.70 37.63
N THR A 114 -25.92 -36.72 38.25
CA THR A 114 -24.80 -37.51 37.75
C THR A 114 -24.19 -38.44 38.80
N LEU A 115 -23.92 -39.68 38.38
CA LEU A 115 -23.43 -40.72 39.29
C LEU A 115 -22.22 -40.31 40.10
N GLY A 116 -22.19 -40.74 41.36
CA GLY A 116 -21.05 -40.43 42.23
C GLY A 116 -21.06 -39.01 42.75
N PHE A 117 -22.11 -38.26 42.45
CA PHE A 117 -22.21 -36.89 42.91
C PHE A 117 -23.49 -36.60 43.68
N PRO A 118 -23.44 -35.60 44.58
CA PRO A 118 -24.57 -35.23 45.43
C PRO A 118 -25.80 -34.89 44.63
N VAL A 119 -26.95 -35.14 45.24
CA VAL A 119 -28.23 -34.77 44.67
C VAL A 119 -29.15 -34.37 45.80
N ALA A 120 -30.14 -33.53 45.51
CA ALA A 120 -31.10 -33.12 46.52
C ALA A 120 -32.49 -32.85 45.98
N PHE A 121 -33.47 -33.50 46.62
CA PHE A 121 -34.86 -33.20 46.38
C PHE A 121 -35.28 -32.10 47.34
N GLU A 122 -36.34 -31.39 46.97
CA GLU A 122 -36.80 -30.29 47.80
C GLU A 122 -38.18 -29.86 47.37
N CYS A 123 -38.99 -29.41 48.33
CA CYS A 123 -40.33 -28.91 48.04
C CYS A 123 -40.85 -28.05 49.19
N ARG A 124 -41.78 -27.16 48.88
CA ARG A 124 -42.43 -26.39 49.93
C ARG A 124 -43.73 -27.07 50.32
N ILE A 125 -44.03 -27.05 51.60
CA ILE A 125 -45.20 -27.70 52.12
C ILE A 125 -45.88 -26.77 53.14
N ASN A 126 -47.09 -26.31 52.82
CA ASN A 126 -47.82 -25.44 53.75
C ASN A 126 -48.74 -26.27 54.62
N GLY A 127 -49.24 -25.66 55.69
CA GLY A 127 -50.07 -26.37 56.65
C GLY A 127 -49.74 -26.04 58.10
N SER A 128 -50.69 -26.35 58.98
CA SER A 128 -50.55 -26.08 60.40
C SER A 128 -49.50 -26.99 61.03
N GLU A 129 -48.57 -26.41 61.79
CA GLU A 129 -47.66 -27.22 62.59
C GLU A 129 -48.49 -27.92 63.65
N PRO A 130 -48.06 -29.12 64.06
CA PRO A 130 -46.80 -29.75 63.68
C PRO A 130 -46.91 -30.50 62.34
N LEU A 131 -46.04 -30.19 61.39
CA LEU A 131 -46.02 -30.92 60.14
C LEU A 131 -44.97 -32.02 60.20
N GLN A 132 -45.37 -33.23 59.82
CA GLN A 132 -44.42 -34.33 59.71
C GLN A 132 -44.15 -34.61 58.26
N VAL A 133 -42.90 -34.93 57.95
CA VAL A 133 -42.52 -35.31 56.59
C VAL A 133 -41.76 -36.63 56.55
N SER A 134 -42.17 -37.50 55.64
CA SER A 134 -41.48 -38.77 55.43
C SER A 134 -41.17 -38.97 53.94
N TRP A 135 -39.95 -39.40 53.65
CA TRP A 135 -39.55 -39.67 52.28
C TRP A 135 -39.48 -41.18 52.06
N TYR A 136 -39.99 -41.65 50.92
CA TYR A 136 -39.96 -43.07 50.58
C TYR A 136 -39.38 -43.28 49.20
N LYS A 137 -38.43 -44.21 49.06
CA LYS A 137 -38.04 -44.67 47.73
C LYS A 137 -38.66 -46.03 47.56
N ASP A 138 -39.53 -46.14 46.56
CA ASP A 138 -40.38 -47.30 46.40
C ASP A 138 -41.40 -47.26 47.51
N GLY A 139 -41.50 -48.37 48.24
CA GLY A 139 -42.39 -48.47 49.39
C GLY A 139 -41.63 -48.51 50.69
N GLU A 140 -40.31 -48.35 50.61
CA GLU A 140 -39.50 -48.30 51.81
C GLU A 140 -39.34 -46.87 52.33
N LEU A 141 -39.43 -46.72 53.65
CA LEU A 141 -39.20 -45.43 54.29
C LEU A 141 -37.70 -45.15 54.36
N LEU A 142 -37.32 -43.91 54.05
CA LEU A 142 -35.93 -43.53 54.08
C LEU A 142 -35.54 -42.95 55.44
N LYS A 143 -34.35 -43.29 55.90
CA LYS A 143 -33.83 -42.78 57.16
C LYS A 143 -32.51 -42.11 56.88
N ASP A 144 -32.18 -41.10 57.68
CA ASP A 144 -30.90 -40.44 57.54
C ASP A 144 -29.80 -41.37 57.97
N ASP A 145 -28.82 -41.56 57.10
CA ASP A 145 -27.60 -42.24 57.47
C ASP A 145 -26.44 -41.37 57.00
N ALA A 146 -25.26 -41.95 56.93
CA ALA A 146 -24.08 -41.20 56.55
C ALA A 146 -24.24 -40.57 55.17
N ASN A 147 -25.06 -41.16 54.31
CA ASN A 147 -25.18 -40.66 52.94
C ASN A 147 -26.48 -39.94 52.61
N LEU A 148 -27.52 -40.20 53.42
CA LEU A 148 -28.83 -39.66 53.16
C LEU A 148 -29.08 -38.57 54.19
N GLN A 149 -29.51 -37.39 53.75
CA GLN A 149 -29.78 -36.29 54.67
C GLN A 149 -31.10 -35.63 54.33
N THR A 150 -31.91 -35.41 55.36
CA THR A 150 -33.17 -34.70 55.19
C THR A 150 -33.28 -33.54 56.18
N SER A 151 -33.94 -32.47 55.74
CA SER A 151 -34.29 -31.36 56.61
C SER A 151 -35.75 -30.96 56.37
N PHE A 152 -36.26 -30.09 57.24
CA PHE A 152 -37.58 -29.56 57.08
C PHE A 152 -37.78 -28.41 58.05
N ILE A 153 -37.77 -27.19 57.51
CA ILE A 153 -37.71 -25.97 58.31
C ILE A 153 -38.31 -24.81 57.51
N HIS A 154 -38.93 -23.84 58.18
CA HIS A 154 -39.59 -22.74 57.49
C HIS A 154 -40.40 -23.27 56.32
N ASN A 155 -41.07 -24.41 56.55
CA ASN A 155 -41.93 -25.01 55.54
C ASN A 155 -41.24 -25.57 54.31
N VAL A 156 -39.91 -25.73 54.35
CA VAL A 156 -39.19 -26.32 53.22
C VAL A 156 -38.48 -27.64 53.53
N ALA A 157 -38.97 -28.72 52.91
CA ALA A 157 -38.40 -30.06 53.12
C ALA A 157 -37.41 -30.43 52.01
N THR A 158 -36.25 -30.95 52.42
CA THR A 158 -35.24 -31.41 51.47
C THR A 158 -34.79 -32.85 51.73
N LEU A 159 -34.13 -33.43 50.74
CA LEU A 159 -33.64 -34.80 50.80
C LEU A 159 -32.35 -34.82 49.98
N GLN A 160 -31.22 -34.92 50.66
CA GLN A 160 -29.93 -34.85 50.01
C GLN A 160 -29.17 -36.18 50.05
N ILE A 161 -28.59 -36.57 48.92
CA ILE A 161 -27.74 -37.74 48.84
C ILE A 161 -26.34 -37.30 48.42
N LEU A 162 -25.38 -37.51 49.31
CA LEU A 162 -24.03 -37.00 49.10
C LEU A 162 -23.31 -37.63 47.91
N GLN A 163 -23.07 -38.93 47.94
CA GLN A 163 -22.58 -39.61 46.74
C GLN A 163 -23.65 -40.52 46.17
N THR A 164 -24.11 -40.20 44.96
CA THR A 164 -25.17 -40.98 44.37
C THR A 164 -24.61 -42.22 43.71
N ASP A 165 -25.50 -43.17 43.49
CA ASP A 165 -25.14 -44.55 43.37
C ASP A 165 -26.23 -45.13 42.49
N GLN A 166 -25.90 -46.13 41.68
CA GLN A 166 -26.89 -46.71 40.80
C GLN A 166 -28.17 -47.02 41.57
N SER A 167 -28.00 -47.47 42.81
CA SER A 167 -29.11 -47.88 43.66
C SER A 167 -30.12 -46.76 43.89
N HIS A 168 -29.64 -45.52 43.84
CA HIS A 168 -30.49 -44.38 44.19
C HIS A 168 -31.46 -44.05 43.10
N VAL A 169 -31.19 -44.51 41.89
CA VAL A 169 -32.12 -44.33 40.78
C VAL A 169 -33.50 -44.88 41.12
N GLY A 170 -34.53 -44.13 40.73
CA GLY A 170 -35.88 -44.55 41.01
C GLY A 170 -36.77 -43.43 41.53
N GLN A 171 -37.97 -43.82 41.95
CA GLN A 171 -38.99 -42.87 42.36
C GLN A 171 -38.98 -42.64 43.85
N TYR A 172 -39.11 -41.37 44.22
CA TYR A 172 -39.07 -40.95 45.61
C TYR A 172 -40.40 -40.31 45.98
N ASN A 173 -40.95 -40.72 47.11
CA ASN A 173 -42.18 -40.11 47.56
C ASN A 173 -41.96 -39.22 48.76
N CYS A 174 -42.65 -38.09 48.77
CA CYS A 174 -42.53 -37.15 49.86
C CYS A 174 -43.90 -36.80 50.40
N SER A 175 -44.27 -37.40 51.53
CA SER A 175 -45.61 -37.20 52.08
C SER A 175 -45.62 -36.48 53.44
N ALA A 176 -46.39 -35.40 53.52
CA ALA A 176 -46.47 -34.60 54.72
C ALA A 176 -47.74 -34.95 55.44
N SER A 177 -47.85 -34.58 56.71
CA SER A 177 -49.07 -34.85 57.46
C SER A 177 -49.17 -34.04 58.73
N ASN A 178 -50.26 -33.30 58.89
CA ASN A 178 -50.60 -32.75 60.20
C ASN A 178 -51.91 -33.36 60.66
N PRO A 179 -52.33 -33.06 61.90
CA PRO A 179 -53.54 -33.72 62.41
C PRO A 179 -54.81 -33.27 61.68
N LEU A 180 -54.66 -32.47 60.63
CA LEU A 180 -55.81 -32.00 59.84
C LEU A 180 -56.00 -32.83 58.54
N GLY A 181 -54.92 -33.44 58.07
CA GLY A 181 -54.99 -34.21 56.85
C GLY A 181 -53.63 -34.57 56.28
N THR A 182 -53.57 -34.72 54.96
CA THR A 182 -52.41 -35.29 54.30
C THR A 182 -52.13 -34.78 52.91
N ALA A 183 -50.85 -34.69 52.56
CA ALA A 183 -50.46 -34.34 51.21
C ALA A 183 -49.31 -35.22 50.75
N SER A 184 -49.01 -35.18 49.46
CA SER A 184 -47.97 -36.04 48.91
C SER A 184 -47.60 -35.67 47.48
N SER A 185 -46.32 -35.77 47.18
CA SER A 185 -45.83 -35.66 45.81
C SER A 185 -44.67 -36.62 45.63
N SER A 186 -44.50 -37.11 44.40
CA SER A 186 -43.39 -37.99 44.10
C SER A 186 -42.67 -37.46 42.88
N ALA A 187 -41.46 -37.96 42.68
CA ALA A 187 -40.64 -37.53 41.59
C ALA A 187 -39.59 -38.60 41.41
N LYS A 188 -38.80 -38.49 40.36
CA LYS A 188 -37.84 -39.55 40.05
C LYS A 188 -36.41 -39.06 39.98
N LEU A 189 -35.51 -39.95 40.38
CA LEU A 189 -34.10 -39.68 40.27
C LEU A 189 -33.57 -40.49 39.11
N THR A 190 -32.72 -39.86 38.30
CA THR A 190 -31.96 -40.55 37.27
C THR A 190 -30.54 -40.03 37.30
N LEU A 191 -29.59 -40.89 36.95
CA LEU A 191 -28.17 -40.55 37.02
C LEU A 191 -27.44 -40.90 35.73
N SER A 192 -26.56 -40.01 35.31
CA SER A 192 -25.77 -40.18 34.10
C SER A 192 -24.31 -40.37 34.49
N GLU A 193 -23.50 -40.81 33.53
CA GLU A 193 -22.07 -41.05 33.79
C GLU A 193 -21.26 -39.76 33.75
N HIS A 194 -20.18 -39.71 34.53
CA HIS A 194 -19.29 -38.56 34.54
C HIS A 194 -18.50 -38.51 33.24
N GLU A 195 -18.80 -37.49 32.44
CA GLU A 195 -18.03 -37.20 31.24
C GLU A 195 -17.57 -35.75 31.25
N VAL A 196 -16.27 -35.58 31.13
CA VAL A 196 -15.68 -34.26 30.99
C VAL A 196 -15.49 -33.95 29.51
N PRO A 197 -16.30 -33.01 28.98
CA PRO A 197 -16.11 -32.58 27.59
C PRO A 197 -14.69 -32.11 27.37
N PRO A 198 -14.12 -32.43 26.19
CA PRO A 198 -12.73 -32.14 25.85
C PRO A 198 -12.47 -30.66 25.74
N PHE A 199 -11.28 -30.25 26.14
CA PHE A 199 -10.81 -28.91 25.88
C PHE A 199 -9.29 -28.96 25.84
N PHE A 200 -8.69 -28.11 25.00
CA PHE A 200 -7.24 -28.08 24.87
C PHE A 200 -6.63 -27.23 25.96
N ASP A 201 -5.96 -27.88 26.91
CA ASP A 201 -5.32 -27.20 28.02
C ASP A 201 -4.07 -26.46 27.55
N LEU A 202 -3.51 -26.92 26.43
CA LEU A 202 -2.33 -26.30 25.82
C LEU A 202 -2.54 -26.07 24.33
N LYS A 203 -2.60 -24.79 23.93
CA LYS A 203 -2.79 -24.44 22.53
C LYS A 203 -1.45 -24.42 21.81
N PRO A 204 -1.46 -24.73 20.51
CA PRO A 204 -0.28 -24.78 19.64
C PRO A 204 0.07 -23.39 19.11
N VAL A 205 1.36 -23.17 18.83
CA VAL A 205 1.82 -21.84 18.44
C VAL A 205 1.96 -21.68 16.93
N SER A 206 1.39 -20.59 16.42
CA SER A 206 1.62 -20.18 15.03
C SER A 206 3.08 -19.80 14.86
N VAL A 207 3.71 -20.37 13.84
CA VAL A 207 5.12 -20.12 13.61
C VAL A 207 5.35 -19.62 12.19
N ASP A 208 6.41 -18.85 12.01
CA ASP A 208 6.86 -18.46 10.68
C ASP A 208 8.08 -19.28 10.32
N LEU A 209 7.87 -20.33 9.53
CA LEU A 209 8.97 -21.20 9.14
C LEU A 209 9.49 -20.82 7.76
N ALA A 210 10.67 -21.34 7.43
CA ALA A 210 11.30 -21.08 6.14
C ALA A 210 11.23 -22.31 5.24
N LEU A 211 11.14 -22.07 3.95
CA LEU A 211 11.09 -23.13 2.94
C LEU A 211 12.08 -24.26 3.24
N GLY A 212 11.61 -25.51 3.15
CA GLY A 212 12.47 -26.66 3.36
C GLY A 212 12.42 -27.25 4.76
N GLU A 213 13.06 -26.57 5.70
CA GLU A 213 13.09 -27.02 7.09
C GLU A 213 11.71 -27.48 7.53
N SER A 214 11.68 -28.28 8.59
CA SER A 214 10.41 -28.69 9.18
C SER A 214 10.16 -28.00 10.51
N GLY A 215 8.90 -27.98 10.92
CA GLY A 215 8.50 -27.47 12.22
C GLY A 215 7.32 -28.27 12.75
N THR A 216 6.85 -27.93 13.95
CA THR A 216 5.75 -28.68 14.55
C THR A 216 4.72 -27.80 15.25
N PHE A 217 3.46 -28.21 15.14
CA PHE A 217 2.39 -27.65 15.96
C PHE A 217 2.08 -28.62 17.09
N LYS A 218 2.04 -28.10 18.31
CA LYS A 218 2.02 -28.94 19.49
C LYS A 218 0.95 -28.50 20.49
N CYS A 219 -0.10 -29.31 20.63
CA CYS A 219 -1.19 -29.00 21.56
C CYS A 219 -1.52 -30.15 22.51
N HIS A 220 -2.16 -29.84 23.62
CA HIS A 220 -2.56 -30.86 24.61
C HIS A 220 -4.05 -30.72 24.98
N VAL A 221 -4.71 -31.86 25.10
CA VAL A 221 -6.13 -31.90 25.40
C VAL A 221 -6.37 -32.65 26.69
N THR A 222 -7.39 -32.23 27.44
CA THR A 222 -7.86 -33.01 28.57
C THR A 222 -9.38 -33.24 28.50
N GLY A 223 -9.82 -34.32 29.12
CA GLY A 223 -11.21 -34.74 29.06
C GLY A 223 -11.30 -36.25 29.18
N THR A 224 -12.51 -36.75 29.41
CA THR A 224 -12.68 -38.19 29.60
C THR A 224 -12.24 -38.96 28.36
N ALA A 225 -11.27 -39.84 28.54
CA ALA A 225 -10.82 -40.73 27.49
C ALA A 225 -11.98 -41.64 27.04
N PRO A 226 -12.00 -42.02 25.75
CA PRO A 226 -10.96 -41.70 24.77
C PRO A 226 -11.32 -40.47 23.94
N ILE A 227 -10.34 -39.60 23.72
CA ILE A 227 -10.55 -38.40 22.91
C ILE A 227 -10.00 -38.62 21.50
N LYS A 228 -10.91 -38.63 20.53
CA LYS A 228 -10.57 -38.73 19.12
C LYS A 228 -10.02 -37.41 18.58
N ILE A 229 -8.78 -37.42 18.15
CA ILE A 229 -8.13 -36.23 17.61
C ILE A 229 -7.93 -36.36 16.10
N THR A 230 -8.22 -35.29 15.38
CA THR A 230 -7.93 -35.25 13.95
C THR A 230 -7.53 -33.83 13.57
N TRP A 231 -6.80 -33.71 12.47
CA TRP A 231 -6.29 -32.42 12.05
C TRP A 231 -6.96 -31.99 10.76
N ALA A 232 -6.75 -30.73 10.37
CA ALA A 232 -7.40 -30.17 9.19
C ALA A 232 -6.79 -28.82 8.78
N LYS A 233 -5.82 -28.86 7.87
CA LYS A 233 -5.22 -27.65 7.32
C LYS A 233 -6.13 -27.06 6.24
N ASP A 234 -6.34 -25.75 6.30
CA ASP A 234 -7.20 -25.05 5.34
C ASP A 234 -8.53 -25.78 5.10
N ASN A 235 -9.17 -26.20 6.20
CA ASN A 235 -10.51 -26.78 6.17
C ASN A 235 -10.64 -28.02 5.30
N ARG A 236 -9.64 -28.89 5.36
CA ARG A 236 -9.65 -30.15 4.64
C ARG A 236 -8.91 -31.16 5.49
N GLU A 237 -9.58 -32.24 5.87
CA GLU A 237 -8.97 -33.21 6.80
C GLU A 237 -7.59 -33.62 6.33
N ILE A 238 -6.61 -33.45 7.21
CA ILE A 238 -5.23 -33.85 6.93
C ILE A 238 -5.05 -35.34 7.09
N ARG A 239 -4.68 -36.02 6.00
CA ARG A 239 -4.45 -37.46 6.10
C ARG A 239 -3.00 -37.87 5.83
N PRO A 240 -2.57 -38.95 6.50
CA PRO A 240 -1.19 -39.46 6.55
C PRO A 240 -0.64 -39.86 5.18
N GLY A 241 0.68 -39.70 5.02
CA GLY A 241 1.36 -40.16 3.82
C GLY A 241 2.30 -39.13 3.22
N GLY A 242 1.87 -37.88 3.24
CA GLY A 242 2.58 -36.81 2.56
C GLY A 242 3.40 -35.90 3.45
N ASN A 243 3.37 -34.60 3.13
CA ASN A 243 4.21 -33.62 3.81
C ASN A 243 3.83 -33.39 5.27
N TYR A 244 2.67 -33.88 5.66
CA TYR A 244 2.23 -33.73 7.04
C TYR A 244 2.25 -35.05 7.79
N LYS A 245 2.77 -35.01 9.02
CA LYS A 245 2.80 -36.16 9.89
C LYS A 245 2.17 -35.78 11.23
N MET A 246 1.23 -36.59 11.68
CA MET A 246 0.51 -36.33 12.92
C MET A 246 0.80 -37.42 13.94
N THR A 247 1.19 -37.00 15.14
CA THR A 247 1.39 -37.92 16.23
C THR A 247 0.61 -37.47 17.44
N LEU A 248 0.41 -38.40 18.37
CA LEU A 248 -0.38 -38.15 19.57
C LEU A 248 -0.14 -39.21 20.61
N VAL A 249 0.36 -38.78 21.77
CA VAL A 249 0.67 -39.67 22.87
C VAL A 249 0.22 -39.05 24.18
N GLU A 250 -0.67 -39.73 24.90
CA GLU A 250 -1.18 -39.21 26.16
C GLU A 250 -1.73 -37.81 25.97
N ASN A 251 -2.66 -37.69 25.03
CA ASN A 251 -3.39 -36.45 24.81
C ASN A 251 -2.58 -35.28 24.27
N THR A 252 -1.37 -35.54 23.81
CA THR A 252 -0.54 -34.49 23.23
C THR A 252 -0.38 -34.65 21.71
N ALA A 253 -1.20 -33.90 20.96
CA ALA A 253 -1.23 -33.99 19.50
C ALA A 253 -0.13 -33.13 18.90
N THR A 254 0.45 -33.59 17.81
CA THR A 254 1.56 -32.90 17.20
C THR A 254 1.61 -33.08 15.70
N LEU A 255 1.34 -32.00 14.98
CA LEU A 255 1.38 -31.98 13.53
C LEU A 255 2.68 -31.35 13.05
N THR A 256 3.48 -32.15 12.35
CA THR A 256 4.76 -31.69 11.84
C THR A 256 4.70 -31.60 10.32
N VAL A 257 5.02 -30.41 9.81
CA VAL A 257 5.22 -30.22 8.38
C VAL A 257 6.68 -30.53 8.10
N LEU A 258 6.94 -31.47 7.20
CA LEU A 258 8.29 -31.94 6.93
C LEU A 258 9.10 -31.00 6.03
N LYS A 259 8.83 -31.03 4.73
CA LYS A 259 9.53 -30.12 3.83
C LYS A 259 8.63 -28.94 3.46
N VAL A 260 8.80 -27.85 4.19
CA VAL A 260 8.00 -26.65 3.99
C VAL A 260 8.06 -26.14 2.54
N THR A 261 6.99 -26.38 1.80
CA THR A 261 6.86 -25.84 0.45
C THR A 261 6.06 -24.54 0.53
N LYS A 262 5.76 -23.96 -0.63
CA LYS A 262 4.93 -22.75 -0.66
C LYS A 262 3.50 -23.07 -0.24
N GLY A 263 3.06 -24.29 -0.53
CA GLY A 263 1.68 -24.69 -0.29
C GLY A 263 1.39 -25.23 1.10
N ASP A 264 2.29 -25.00 2.04
CA ASP A 264 2.11 -25.47 3.41
C ASP A 264 1.69 -24.33 4.32
N ALA A 265 1.60 -23.13 3.77
CA ALA A 265 1.18 -21.97 4.54
C ALA A 265 -0.34 -21.91 4.70
N GLY A 266 -0.79 -21.58 5.91
CA GLY A 266 -2.22 -21.51 6.19
C GLY A 266 -2.59 -21.96 7.60
N GLN A 267 -3.87 -22.25 7.78
CA GLN A 267 -4.42 -22.48 9.12
C GLN A 267 -4.53 -23.95 9.51
N TYR A 268 -3.80 -24.31 10.55
CA TYR A 268 -3.82 -25.67 11.04
C TYR A 268 -4.71 -25.77 12.28
N THR A 269 -5.70 -26.64 12.20
CA THR A 269 -6.68 -26.76 13.27
C THR A 269 -6.73 -28.18 13.79
N CYS A 270 -6.74 -28.32 15.12
CA CYS A 270 -6.83 -29.63 15.74
C CYS A 270 -8.23 -29.84 16.28
N TYR A 271 -8.74 -31.06 16.14
CA TYR A 271 -10.10 -31.39 16.54
C TYR A 271 -10.14 -32.53 17.54
N ALA A 272 -10.65 -32.24 18.73
CA ALA A 272 -10.80 -33.24 19.77
C ALA A 272 -12.27 -33.59 19.97
N SER A 273 -12.54 -34.83 20.39
CA SER A 273 -13.92 -35.26 20.59
C SER A 273 -14.06 -36.47 21.51
N ASN A 274 -14.87 -36.32 22.56
CA ASN A 274 -15.31 -37.48 23.32
C ASN A 274 -16.82 -37.55 23.40
N VAL A 275 -17.33 -38.57 24.07
CA VAL A 275 -18.76 -38.77 24.22
C VAL A 275 -19.55 -37.48 24.50
N ALA A 276 -18.98 -36.59 25.32
CA ALA A 276 -19.72 -35.46 25.88
C ALA A 276 -19.38 -34.09 25.30
N GLY A 277 -18.57 -34.03 24.25
CA GLY A 277 -18.29 -32.75 23.65
C GLY A 277 -17.13 -32.71 22.68
N LYS A 278 -16.78 -31.49 22.26
CA LYS A 278 -15.74 -31.28 21.28
C LYS A 278 -15.09 -29.90 21.46
N ASP A 279 -13.92 -29.73 20.85
CA ASP A 279 -13.18 -28.48 20.92
C ASP A 279 -12.19 -28.49 19.77
N SER A 280 -11.53 -27.35 19.55
CA SER A 280 -10.54 -27.22 18.48
C SER A 280 -9.74 -25.95 18.67
N CYS A 281 -8.48 -26.01 18.27
CA CYS A 281 -7.58 -24.86 18.35
C CYS A 281 -6.87 -24.73 17.02
N SER A 282 -6.33 -23.55 16.74
CA SER A 282 -5.79 -23.26 15.42
C SER A 282 -4.47 -22.49 15.46
N ALA A 283 -3.47 -23.01 14.76
CA ALA A 283 -2.21 -22.29 14.56
C ALA A 283 -2.12 -21.77 13.12
N GLN A 284 -0.93 -21.34 12.74
CA GLN A 284 -0.73 -20.76 11.40
C GLN A 284 0.72 -20.90 10.95
N LEU A 285 0.91 -21.64 9.85
CA LEU A 285 2.24 -21.74 9.24
C LEU A 285 2.47 -20.64 8.21
N GLY A 286 3.46 -19.79 8.45
CA GLY A 286 3.82 -18.73 7.53
C GLY A 286 5.13 -19.00 6.84
N VAL A 287 5.07 -19.41 5.58
CA VAL A 287 6.28 -19.68 4.80
C VAL A 287 6.85 -18.40 4.18
N GLN A 288 8.14 -18.18 4.40
CA GLN A 288 8.80 -16.97 3.90
C GLN A 288 9.42 -17.20 2.53
N GLU A 289 8.93 -16.45 1.53
CA GLU A 289 9.44 -16.57 0.18
C GLU A 289 10.36 -15.42 -0.17
N PRO A 290 11.63 -15.72 -0.44
CA PRO A 290 12.55 -14.67 -0.88
C PRO A 290 11.97 -13.99 -2.11
N PRO A 291 12.43 -12.76 -2.42
CA PRO A 291 11.98 -12.06 -3.64
C PRO A 291 12.39 -12.79 -4.91
N ARG A 292 11.47 -12.83 -5.87
CA ARG A 292 11.72 -13.46 -7.16
C ARG A 292 11.36 -12.48 -8.27
N PHE A 293 12.11 -12.50 -9.35
CA PHE A 293 11.90 -11.54 -10.43
C PHE A 293 10.83 -11.98 -11.43
N ILE A 294 9.69 -11.29 -11.37
CA ILE A 294 8.57 -11.56 -12.25
C ILE A 294 8.85 -10.97 -13.63
N LYS A 295 9.09 -9.66 -13.65
CA LYS A 295 9.45 -8.98 -14.88
C LYS A 295 10.83 -8.34 -14.72
N LYS A 296 11.86 -9.05 -15.17
CA LYS A 296 13.23 -8.58 -15.04
C LYS A 296 13.51 -7.40 -15.97
N LEU A 297 14.69 -6.82 -15.81
CA LEU A 297 15.14 -5.71 -16.67
C LEU A 297 15.63 -6.28 -18.00
N GLU A 298 15.64 -5.46 -19.04
CA GLU A 298 16.22 -5.90 -20.31
C GLU A 298 17.75 -5.79 -20.24
N PRO A 299 18.45 -6.80 -20.76
CA PRO A 299 19.91 -6.97 -20.66
C PRO A 299 20.70 -5.67 -20.84
N SER A 300 20.64 -5.08 -22.03
CA SER A 300 21.31 -3.82 -22.29
C SER A 300 20.39 -2.81 -22.95
N ARG A 301 20.87 -1.58 -23.09
CA ARG A 301 20.10 -0.50 -23.69
C ARG A 301 21.06 0.56 -24.23
N ILE A 302 20.54 1.50 -25.02
CA ILE A 302 21.34 2.60 -25.57
C ILE A 302 20.52 3.89 -25.68
N VAL A 303 21.08 4.99 -25.16
CA VAL A 303 20.36 6.27 -25.16
C VAL A 303 21.27 7.46 -25.45
N LYS A 304 20.71 8.49 -26.10
CA LYS A 304 21.45 9.71 -26.43
C LYS A 304 21.76 10.55 -25.19
N GLN A 305 22.88 11.27 -25.23
CA GLN A 305 23.23 12.20 -24.15
C GLN A 305 22.26 13.38 -24.09
N ASP A 306 21.97 13.83 -22.87
CA ASP A 306 20.99 14.90 -22.63
C ASP A 306 19.58 14.39 -22.96
N GLU A 307 19.17 13.33 -22.27
CA GLU A 307 17.86 12.72 -22.50
C GLU A 307 17.22 12.13 -21.23
N HIS A 308 16.77 10.88 -21.33
CA HIS A 308 16.10 10.20 -20.23
C HIS A 308 15.79 8.74 -20.58
N THR A 309 15.42 7.96 -19.58
CA THR A 309 15.03 6.57 -19.78
C THR A 309 14.37 6.04 -18.51
N ARG A 310 13.50 5.05 -18.67
CA ARG A 310 12.74 4.54 -17.53
C ARG A 310 12.88 3.03 -17.32
N TYR A 311 13.86 2.65 -16.50
CA TYR A 311 14.03 1.27 -16.10
C TYR A 311 12.98 0.91 -15.05
N GLU A 312 12.40 -0.27 -15.19
CA GLU A 312 11.29 -0.70 -14.34
C GLU A 312 11.35 -2.19 -14.05
N CYS A 313 11.16 -2.55 -12.78
CA CYS A 313 11.28 -3.94 -12.37
C CYS A 313 10.02 -4.44 -11.66
N LYS A 314 9.81 -5.76 -11.68
CA LYS A 314 8.65 -6.38 -11.04
C LYS A 314 9.06 -7.39 -9.97
N ILE A 315 8.90 -7.01 -8.71
CA ILE A 315 9.39 -7.84 -7.60
C ILE A 315 8.24 -8.38 -6.74
N GLY A 316 8.39 -9.62 -6.28
CA GLY A 316 7.40 -10.25 -5.42
C GLY A 316 8.04 -11.14 -4.37
N GLY A 317 7.23 -11.64 -3.45
CA GLY A 317 7.72 -12.49 -2.37
C GLY A 317 7.02 -12.23 -1.04
N SER A 318 7.81 -12.10 0.03
CA SER A 318 7.28 -11.81 1.36
C SER A 318 7.13 -10.31 1.61
N PRO A 319 6.15 -9.93 2.44
CA PRO A 319 5.82 -8.54 2.80
C PRO A 319 7.01 -7.79 3.38
N GLU A 320 6.99 -6.46 3.26
CA GLU A 320 8.11 -5.62 3.70
C GLU A 320 9.35 -5.84 2.82
N ILE A 321 9.25 -5.38 1.57
CA ILE A 321 10.33 -5.51 0.59
C ILE A 321 11.10 -4.18 0.48
N LYS A 322 12.31 -4.24 -0.08
CA LYS A 322 13.16 -3.05 -0.17
C LYS A 322 14.03 -3.03 -1.43
N VAL A 323 13.93 -1.94 -2.20
CA VAL A 323 14.70 -1.81 -3.44
C VAL A 323 15.88 -0.85 -3.28
N LEU A 324 17.05 -1.32 -3.67
CA LEU A 324 18.26 -0.49 -3.65
C LEU A 324 19.00 -0.65 -4.97
N TRP A 325 19.10 0.44 -5.72
CA TRP A 325 19.78 0.42 -7.01
C TRP A 325 21.27 0.62 -6.83
N TYR A 326 22.07 -0.08 -7.63
CA TYR A 326 23.53 -0.03 -7.53
C TYR A 326 24.23 0.31 -8.85
N LYS A 327 24.56 1.60 -9.03
CA LYS A 327 25.34 2.04 -10.18
C LYS A 327 26.80 1.63 -10.02
N ASP A 328 27.18 0.53 -10.68
CA ASP A 328 28.54 0.00 -10.57
C ASP A 328 28.87 -0.44 -9.14
N GLU A 329 27.87 -1.00 -8.46
CA GLU A 329 28.00 -1.48 -7.07
C GLU A 329 27.78 -0.39 -6.02
N THR A 330 27.74 0.87 -6.46
CA THR A 330 27.54 2.00 -5.55
C THR A 330 26.05 2.38 -5.44
N GLU A 331 25.58 2.58 -4.21
CA GLU A 331 24.17 2.91 -3.98
C GLU A 331 23.74 4.12 -4.81
N ILE A 332 22.51 4.09 -5.31
CA ILE A 332 21.97 5.18 -6.11
C ILE A 332 21.02 6.07 -5.31
N GLN A 333 21.44 7.31 -5.07
CA GLN A 333 20.64 8.29 -4.35
C GLN A 333 19.35 8.63 -5.11
N GLU A 334 18.43 9.30 -4.43
CA GLU A 334 17.20 9.79 -5.06
C GLU A 334 17.31 11.28 -5.43
N SER A 335 17.55 11.55 -6.70
CA SER A 335 17.70 12.91 -7.18
C SER A 335 16.83 13.15 -8.42
N SER A 336 17.06 14.26 -9.10
CA SER A 336 16.43 14.52 -10.39
C SER A 336 17.17 13.73 -11.46
N LYS A 337 18.31 13.16 -11.08
CA LYS A 337 19.13 12.37 -11.98
C LYS A 337 18.74 10.89 -11.90
N PHE A 338 18.58 10.39 -10.68
CA PHE A 338 18.20 9.00 -10.46
C PHE A 338 16.93 8.91 -9.63
N ARG A 339 15.78 8.96 -10.29
CA ARG A 339 14.49 8.86 -9.61
C ARG A 339 14.14 7.41 -9.28
N MET A 340 13.31 7.22 -8.26
CA MET A 340 12.92 5.89 -7.82
C MET A 340 11.57 5.92 -7.11
N SER A 341 10.84 4.81 -7.20
CA SER A 341 9.58 4.66 -6.48
C SER A 341 9.15 3.20 -6.48
N PHE A 342 8.95 2.65 -5.29
CA PHE A 342 8.47 1.28 -5.16
C PHE A 342 7.00 1.27 -4.72
N VAL A 343 6.13 0.81 -5.62
CA VAL A 343 4.70 0.74 -5.35
C VAL A 343 4.08 -0.56 -5.88
N GLU A 344 3.74 -1.46 -4.97
CA GLU A 344 3.10 -2.73 -5.33
C GLU A 344 3.87 -3.53 -6.41
N SER A 345 5.11 -3.89 -6.10
CA SER A 345 5.94 -4.73 -6.96
C SER A 345 6.64 -4.00 -8.11
N VAL A 346 6.44 -2.69 -8.22
CA VAL A 346 7.02 -1.90 -9.30
C VAL A 346 8.24 -1.09 -8.84
N ALA A 347 9.44 -1.55 -9.22
CA ALA A 347 10.67 -0.84 -8.89
C ALA A 347 11.16 0.01 -10.06
N VAL A 348 10.75 1.28 -10.08
CA VAL A 348 11.08 2.19 -11.18
C VAL A 348 12.32 3.03 -10.90
N LEU A 349 13.22 3.12 -11.89
CA LEU A 349 14.34 4.05 -11.86
C LEU A 349 14.27 4.97 -13.08
N GLU A 350 13.80 6.19 -12.86
CA GLU A 350 13.64 7.17 -13.93
C GLU A 350 14.81 8.14 -14.02
N MET A 351 15.66 7.98 -15.04
CA MET A 351 16.86 8.81 -15.16
C MET A 351 16.67 9.99 -16.11
N TYR A 352 16.83 11.20 -15.58
CA TYR A 352 16.73 12.42 -16.39
C TYR A 352 18.10 12.98 -16.71
N ASN A 353 18.16 13.85 -17.73
CA ASN A 353 19.39 14.53 -18.12
C ASN A 353 20.61 13.62 -18.31
N LEU A 354 20.40 12.47 -18.94
CA LEU A 354 21.46 11.49 -19.14
C LEU A 354 22.71 12.09 -19.80
N SER A 355 23.81 11.33 -19.74
CA SER A 355 25.06 11.71 -20.41
C SER A 355 26.08 10.58 -20.34
N VAL A 356 27.28 10.84 -20.84
CA VAL A 356 28.36 9.86 -20.84
C VAL A 356 28.73 9.41 -19.42
N GLU A 357 28.40 10.26 -18.45
CA GLU A 357 28.70 10.02 -17.04
C GLU A 357 27.83 8.90 -16.45
N ASP A 358 26.71 8.63 -17.10
CA ASP A 358 25.71 7.70 -16.58
C ASP A 358 25.77 6.33 -17.27
N SER A 359 26.96 5.92 -17.69
CA SER A 359 27.12 4.64 -18.39
C SER A 359 27.56 3.52 -17.46
N GLY A 360 28.06 2.41 -18.01
CA GLY A 360 28.44 1.27 -17.21
C GLY A 360 27.26 0.43 -16.76
N ASP A 361 27.42 -0.30 -15.67
CA ASP A 361 26.39 -1.25 -15.22
C ASP A 361 25.37 -0.70 -14.23
N TYR A 362 24.27 -1.42 -14.09
CA TYR A 362 23.20 -1.06 -13.16
C TYR A 362 22.56 -2.32 -12.56
N THR A 363 22.49 -2.39 -11.24
CA THR A 363 21.87 -3.54 -10.57
C THR A 363 20.68 -3.14 -9.69
N CYS A 364 19.59 -3.89 -9.78
CA CYS A 364 18.43 -3.68 -8.92
C CYS A 364 18.41 -4.71 -7.79
N GLU A 365 18.49 -4.24 -6.55
CA GLU A 365 18.63 -5.11 -5.39
C GLU A 365 17.46 -5.01 -4.39
N ALA A 366 16.53 -5.95 -4.49
CA ALA A 366 15.44 -6.06 -3.53
C ALA A 366 15.71 -7.19 -2.53
N HIS A 367 15.51 -6.91 -1.24
CA HIS A 367 15.70 -7.92 -0.19
C HIS A 367 14.50 -8.02 0.77
N ASN A 368 14.42 -9.14 1.49
CA ASN A 368 13.31 -9.36 2.43
C ASN A 368 13.69 -10.20 3.65
N ALA A 369 12.68 -10.63 4.40
CA ALA A 369 12.85 -11.47 5.59
C ALA A 369 14.06 -12.40 5.54
N ALA A 370 14.16 -13.20 4.48
CA ALA A 370 15.25 -14.17 4.36
C ALA A 370 15.60 -14.47 2.90
N GLY A 371 15.70 -13.42 2.09
CA GLY A 371 16.07 -13.55 0.70
C GLY A 371 16.46 -12.22 0.08
N SER A 372 17.10 -12.28 -1.08
CA SER A 372 17.54 -11.07 -1.79
C SER A 372 18.23 -11.38 -3.13
N ALA A 373 17.46 -11.44 -4.20
CA ALA A 373 18.03 -11.61 -5.54
C ALA A 373 18.07 -10.27 -6.27
N SER A 374 18.84 -10.20 -7.34
CA SER A 374 19.02 -8.96 -8.08
C SER A 374 18.95 -9.15 -9.60
N SER A 375 18.50 -8.11 -10.29
CA SER A 375 18.53 -8.09 -11.75
C SER A 375 19.41 -6.93 -12.21
N SER A 376 20.43 -7.26 -13.00
CA SER A 376 21.38 -6.26 -13.47
C SER A 376 21.22 -5.97 -14.96
N THR A 377 21.47 -4.72 -15.34
CA THR A 377 21.39 -4.28 -16.73
C THR A 377 22.66 -3.52 -17.14
N SER A 378 22.78 -3.20 -18.42
CA SER A 378 23.96 -2.48 -18.91
C SER A 378 23.58 -1.24 -19.72
N LEU A 379 23.75 -0.06 -19.13
CA LEU A 379 23.44 1.18 -19.82
C LEU A 379 24.61 1.64 -20.67
N LYS A 380 24.36 2.64 -21.52
CA LYS A 380 25.34 3.11 -22.50
C LYS A 380 24.80 4.38 -23.13
N VAL A 381 25.13 5.52 -22.55
CA VAL A 381 24.70 6.81 -23.09
C VAL A 381 25.76 7.43 -24.00
N LYS A 382 25.42 7.59 -25.27
CA LYS A 382 26.38 8.00 -26.30
C LYS A 382 26.24 9.45 -26.76
N GLU A 383 27.27 9.93 -27.44
CA GLU A 383 27.29 11.27 -28.01
C GLU A 383 27.07 11.22 -29.52
N PRO A 384 26.11 12.03 -30.02
CA PRO A 384 25.86 12.08 -31.46
C PRO A 384 27.07 12.64 -32.22
N PRO A 385 27.23 12.24 -33.50
CA PRO A 385 28.31 12.80 -34.32
C PRO A 385 28.13 14.31 -34.45
N VAL A 386 29.24 15.05 -34.53
CA VAL A 386 29.20 16.51 -34.68
C VAL A 386 30.43 17.03 -35.42
N PHE A 387 30.27 17.38 -36.70
CA PHE A 387 31.38 17.95 -37.45
C PHE A 387 31.77 19.30 -36.83
N ARG A 388 32.82 19.29 -36.03
CA ARG A 388 33.34 20.53 -35.44
C ARG A 388 33.53 21.59 -36.51
N LYS A 389 34.70 21.57 -37.14
CA LYS A 389 35.01 22.57 -38.15
C LYS A 389 34.45 22.21 -39.52
N LYS A 390 34.11 23.25 -40.27
CA LYS A 390 33.66 23.15 -41.66
C LYS A 390 34.83 23.48 -42.57
N PRO A 391 35.52 22.44 -43.09
CA PRO A 391 36.75 22.56 -43.87
C PRO A 391 36.69 23.64 -44.96
N HIS A 392 37.40 24.74 -44.74
CA HIS A 392 37.48 25.84 -45.71
C HIS A 392 37.70 25.31 -47.13
N PRO A 393 36.89 25.81 -48.08
CA PRO A 393 36.93 25.38 -49.48
C PRO A 393 38.34 25.36 -50.04
N VAL A 394 38.65 24.35 -50.84
CA VAL A 394 39.98 24.22 -51.43
C VAL A 394 39.95 24.61 -52.90
N GLU A 395 40.74 25.63 -53.24
CA GLU A 395 40.90 26.04 -54.63
C GLU A 395 42.28 25.63 -55.14
N THR A 396 42.29 24.72 -56.11
CA THR A 396 43.52 24.05 -56.53
C THR A 396 43.71 24.15 -58.04
N LEU A 397 44.84 23.66 -58.52
CA LEU A 397 45.11 23.58 -59.96
C LEU A 397 45.03 22.15 -60.42
N LYS A 398 45.09 21.93 -61.72
CA LYS A 398 45.00 20.57 -62.25
C LYS A 398 46.24 19.74 -61.97
N GLY A 399 46.10 18.42 -62.05
CA GLY A 399 47.19 17.49 -61.83
C GLY A 399 47.58 17.36 -60.36
N ALA A 400 47.06 18.27 -59.54
CA ALA A 400 47.42 18.31 -58.12
C ALA A 400 46.50 17.39 -57.33
N ASP A 401 47.04 16.85 -56.24
CA ASP A 401 46.26 16.07 -55.29
C ASP A 401 45.77 17.02 -54.22
N VAL A 402 44.51 16.91 -53.85
CA VAL A 402 43.95 17.77 -52.82
C VAL A 402 43.43 16.97 -51.63
N HIS A 403 43.97 17.27 -50.45
CA HIS A 403 43.57 16.59 -49.23
C HIS A 403 42.45 17.36 -48.52
N LEU A 404 41.28 16.75 -48.50
CA LEU A 404 40.09 17.35 -47.88
C LEU A 404 39.73 16.61 -46.59
N GLU A 405 39.60 17.34 -45.48
CA GLU A 405 39.34 16.69 -44.19
C GLU A 405 38.29 17.40 -43.31
N CYS A 406 37.63 16.61 -42.47
CA CYS A 406 36.62 17.10 -41.53
C CYS A 406 37.00 16.82 -40.08
N GLU A 407 36.59 17.71 -39.18
CA GLU A 407 36.83 17.53 -37.75
C GLU A 407 35.64 16.83 -37.11
N LEU A 408 35.91 15.77 -36.37
CA LEU A 408 34.82 14.96 -35.81
C LEU A 408 34.85 14.78 -34.29
N GLN A 409 33.67 14.78 -33.68
CA GLN A 409 33.54 14.65 -32.24
C GLN A 409 32.20 14.03 -31.85
N GLY A 410 32.24 13.10 -30.89
CA GLY A 410 31.04 12.41 -30.43
C GLY A 410 31.42 11.08 -29.83
N THR A 411 30.63 10.04 -30.14
CA THR A 411 30.90 8.71 -29.61
C THR A 411 31.22 7.71 -30.72
N PRO A 412 32.51 7.42 -30.91
CA PRO A 412 33.02 6.41 -31.86
C PRO A 412 32.58 5.01 -31.48
N PRO A 413 32.69 4.04 -32.42
CA PRO A 413 33.11 4.25 -33.81
C PRO A 413 32.01 4.92 -34.64
N PHE A 414 32.41 5.54 -35.76
CA PHE A 414 31.49 6.27 -36.63
C PHE A 414 31.30 5.62 -38.01
N GLN A 415 30.20 5.98 -38.67
CA GLN A 415 29.91 5.50 -40.03
C GLN A 415 30.08 6.62 -41.04
N VAL A 416 31.30 6.77 -41.55
CA VAL A 416 31.64 7.88 -42.43
C VAL A 416 31.46 7.53 -43.90
N SER A 417 30.80 8.42 -44.63
CA SER A 417 30.61 8.24 -46.05
C SER A 417 30.83 9.56 -46.77
N TRP A 418 31.49 9.50 -47.92
CA TRP A 418 31.68 10.66 -48.77
C TRP A 418 30.96 10.45 -50.09
N HIS A 419 30.18 11.44 -50.48
CA HIS A 419 29.42 11.39 -51.73
C HIS A 419 29.68 12.65 -52.55
N LYS A 420 29.76 12.49 -53.87
CA LYS A 420 29.83 13.66 -54.75
C LYS A 420 28.81 13.56 -55.88
N ASP A 421 27.85 14.49 -55.88
CA ASP A 421 26.79 14.50 -56.87
C ASP A 421 25.97 13.22 -56.79
N LYS A 422 25.64 12.83 -55.56
CA LYS A 422 24.80 11.65 -55.30
C LYS A 422 25.48 10.31 -55.61
N ARG A 423 26.75 10.35 -56.04
CA ARG A 423 27.52 9.13 -56.24
C ARG A 423 28.38 8.87 -55.02
N GLU A 424 28.33 7.65 -54.49
CA GLU A 424 29.19 7.29 -53.37
C GLU A 424 30.62 7.05 -53.86
N LEU A 425 31.58 7.72 -53.24
CA LEU A 425 32.97 7.57 -53.63
C LEU A 425 33.66 6.50 -52.78
N ARG A 426 34.27 5.52 -53.44
CA ARG A 426 35.02 4.48 -52.72
C ARG A 426 36.51 4.62 -52.98
N SER A 427 37.29 4.27 -51.96
CA SER A 427 38.74 4.43 -51.98
C SER A 427 39.43 3.66 -53.10
N GLY A 428 39.35 4.18 -54.32
CA GLY A 428 39.94 3.51 -55.47
C GLY A 428 41.25 4.14 -55.91
N LYS A 429 41.39 4.34 -57.22
CA LYS A 429 42.55 5.07 -57.75
C LYS A 429 42.42 6.53 -57.35
N LYS A 430 41.32 7.15 -57.76
CA LYS A 430 41.09 8.57 -57.58
C LYS A 430 40.96 8.98 -56.11
N TYR A 431 40.12 8.26 -55.37
CA TYR A 431 39.77 8.67 -54.02
C TYR A 431 40.49 7.83 -53.00
N LYS A 432 40.87 8.48 -51.90
CA LYS A 432 41.51 7.79 -50.80
C LYS A 432 40.84 8.24 -49.51
N ILE A 433 39.77 7.55 -49.13
CA ILE A 433 39.03 7.92 -47.92
C ILE A 433 39.64 7.26 -46.69
N MET A 434 39.64 7.98 -45.57
CA MET A 434 40.24 7.49 -44.34
C MET A 434 39.41 7.89 -43.13
N SER A 435 39.22 6.94 -42.23
CA SER A 435 38.33 7.11 -41.09
C SER A 435 38.99 6.57 -39.82
N GLU A 436 39.37 7.50 -38.93
CA GLU A 436 40.01 7.14 -37.65
C GLU A 436 39.23 7.73 -36.47
N ASN A 437 39.63 7.34 -35.26
CA ASN A 437 39.01 7.80 -34.01
C ASN A 437 38.08 9.03 -34.15
N PHE A 438 38.67 10.21 -34.31
CA PHE A 438 37.92 11.45 -34.46
C PHE A 438 38.32 12.20 -35.73
N LEU A 439 38.71 11.43 -36.75
CA LEU A 439 39.31 11.99 -37.96
C LEU A 439 38.75 11.36 -39.24
N THR A 440 38.25 12.21 -40.15
CA THR A 440 37.75 11.76 -41.44
C THR A 440 38.30 12.64 -42.54
N SER A 441 38.66 12.02 -43.66
CA SER A 441 39.14 12.79 -44.81
C SER A 441 39.25 11.94 -46.05
N ILE A 442 39.48 12.61 -47.19
CA ILE A 442 39.57 11.95 -48.49
C ILE A 442 40.66 12.60 -49.32
N HIS A 443 41.33 11.81 -50.14
CA HIS A 443 42.33 12.35 -51.05
C HIS A 443 41.85 12.22 -52.46
N ILE A 444 41.64 13.34 -53.12
CA ILE A 444 41.37 13.29 -54.56
C ILE A 444 42.67 13.53 -55.31
N LEU A 445 43.13 12.52 -56.02
CA LEU A 445 44.42 12.58 -56.70
C LEU A 445 44.32 13.11 -58.12
N ASN A 446 45.33 13.88 -58.52
CA ASN A 446 45.50 14.25 -59.93
C ASN A 446 44.24 14.87 -60.51
N VAL A 447 43.84 15.97 -59.89
CA VAL A 447 42.56 16.65 -60.12
C VAL A 447 42.24 17.02 -61.58
N ASP A 448 41.06 16.60 -62.03
CA ASP A 448 40.52 17.00 -63.33
C ASP A 448 39.24 17.82 -63.18
N SER A 449 38.59 18.11 -64.29
CA SER A 449 37.42 18.99 -64.26
C SER A 449 36.24 18.30 -63.60
N ALA A 450 36.17 16.98 -63.76
CA ALA A 450 35.12 16.17 -63.14
C ALA A 450 35.10 16.42 -61.63
N ASP A 451 36.30 16.58 -61.07
CA ASP A 451 36.46 16.70 -59.63
C ASP A 451 36.01 18.07 -59.15
N ILE A 452 36.07 19.06 -60.03
CA ILE A 452 35.52 20.37 -59.71
C ILE A 452 34.07 20.18 -59.28
N GLY A 453 33.76 20.56 -58.05
CA GLY A 453 32.42 20.42 -57.55
C GLY A 453 32.37 20.39 -56.03
N GLU A 454 31.21 20.02 -55.51
CA GLU A 454 30.98 19.98 -54.07
C GLU A 454 31.04 18.55 -53.55
N TYR A 455 31.65 18.41 -52.38
CA TYR A 455 31.82 17.11 -51.73
C TYR A 455 31.03 17.05 -50.42
N GLN A 456 30.32 15.95 -50.21
CA GLN A 456 29.35 15.82 -49.12
C GLN A 456 29.70 14.67 -48.19
N CYS A 457 29.79 14.94 -46.89
CA CYS A 457 30.26 13.92 -45.95
C CYS A 457 29.23 13.60 -44.86
N LYS A 458 28.78 12.35 -44.82
CA LYS A 458 27.85 11.95 -43.78
C LYS A 458 28.54 11.06 -42.75
N ALA A 459 28.50 11.52 -41.50
CA ALA A 459 28.95 10.71 -40.38
C ALA A 459 27.76 10.40 -39.47
N SER A 460 27.80 9.24 -38.82
CA SER A 460 26.72 8.82 -37.94
C SER A 460 27.10 7.61 -37.10
N ASN A 461 26.59 7.55 -35.88
CA ASN A 461 26.75 6.38 -35.03
C ASN A 461 25.38 5.83 -34.62
N ASP A 462 25.33 5.14 -33.49
CA ASP A 462 24.10 4.50 -33.02
C ASP A 462 23.00 5.48 -32.61
N VAL A 463 23.36 6.74 -32.41
CA VAL A 463 22.40 7.73 -31.90
C VAL A 463 22.01 8.84 -32.89
N GLY A 464 23.00 9.45 -33.55
CA GLY A 464 22.73 10.61 -34.39
C GLY A 464 23.43 10.59 -35.75
N SER A 465 23.51 11.75 -36.38
CA SER A 465 24.06 11.88 -37.73
C SER A 465 24.38 13.33 -38.06
N ASP A 466 25.31 13.52 -39.00
CA ASP A 466 25.74 14.85 -39.44
C ASP A 466 26.15 14.91 -40.90
N THR A 467 26.08 16.10 -41.49
CA THR A 467 26.57 16.31 -42.85
C THR A 467 27.65 17.39 -42.87
N CYS A 468 28.80 17.03 -43.42
CA CYS A 468 29.92 17.94 -43.59
C CYS A 468 29.99 18.31 -45.05
N VAL A 469 30.47 19.52 -45.33
CA VAL A 469 30.59 19.98 -46.72
C VAL A 469 31.90 20.71 -47.00
N GLY A 470 32.57 20.31 -48.08
CA GLY A 470 33.80 20.95 -48.52
C GLY A 470 33.83 20.98 -50.03
N SER A 471 34.27 22.09 -50.60
CA SER A 471 34.21 22.27 -52.03
C SER A 471 35.59 22.34 -52.68
N ILE A 472 35.64 22.02 -53.97
CA ILE A 472 36.86 22.08 -54.75
C ILE A 472 36.69 23.04 -55.93
N THR A 473 37.15 24.27 -55.78
CA THR A 473 37.11 25.23 -56.87
C THR A 473 38.42 25.22 -57.66
N LEU A 474 38.34 25.47 -58.96
CA LEU A 474 39.53 25.49 -59.78
C LEU A 474 40.16 26.89 -59.81
N LYS A 475 41.48 26.93 -59.60
CA LYS A 475 42.22 28.18 -59.55
C LYS A 475 42.42 28.72 -60.96
N ALA A 476 41.90 29.93 -61.21
CA ALA A 476 41.90 30.53 -62.55
C ALA A 476 43.22 31.19 -62.92
N PRO A 477 43.73 30.90 -64.13
CA PRO A 477 44.95 31.50 -64.66
C PRO A 477 44.76 33.00 -64.85
N PRO A 478 45.84 33.74 -65.11
CA PRO A 478 45.77 35.17 -65.42
C PRO A 478 45.43 35.40 -66.90
N ARG A 479 44.46 36.25 -67.18
CA ARG A 479 44.08 36.56 -68.55
C ARG A 479 43.89 38.05 -68.77
N PHE A 480 44.13 38.51 -69.98
CA PHE A 480 43.95 39.91 -70.32
C PHE A 480 42.53 40.19 -70.80
N VAL A 481 41.75 40.87 -69.96
CA VAL A 481 40.42 41.33 -70.33
C VAL A 481 40.49 42.44 -71.37
N LYS A 482 41.61 43.17 -71.35
CA LYS A 482 41.89 44.24 -72.31
C LYS A 482 43.39 44.35 -72.54
N LYS A 483 43.90 43.56 -73.48
CA LYS A 483 45.33 43.55 -73.80
C LYS A 483 45.81 44.99 -74.06
N LEU A 484 47.07 45.25 -73.73
CA LEU A 484 47.64 46.59 -73.96
C LEU A 484 47.39 47.07 -75.39
N SER A 485 47.11 48.37 -75.53
CA SER A 485 46.96 49.01 -76.84
C SER A 485 48.10 50.00 -77.06
N ASP A 486 48.35 50.34 -78.32
CA ASP A 486 49.40 51.30 -78.67
C ASP A 486 49.13 52.68 -78.07
N ILE A 487 50.18 53.49 -77.98
CA ILE A 487 50.04 54.89 -77.61
C ILE A 487 51.09 55.73 -78.34
N SER A 488 50.78 57.00 -78.58
CA SER A 488 51.74 57.94 -79.14
C SER A 488 51.43 59.36 -78.67
N THR A 489 52.36 59.94 -77.92
CA THR A 489 52.16 61.25 -77.32
C THR A 489 53.19 62.26 -77.81
N VAL A 490 52.93 63.53 -77.50
CA VAL A 490 53.91 64.57 -77.77
C VAL A 490 54.95 64.52 -76.66
N VAL A 491 56.22 64.73 -77.04
CA VAL A 491 57.31 64.72 -76.06
C VAL A 491 57.00 65.64 -74.88
N GLY A 492 57.20 65.13 -73.67
CA GLY A 492 56.92 65.89 -72.46
C GLY A 492 55.54 65.60 -71.88
N GLU A 493 54.68 64.96 -72.69
CA GLU A 493 53.31 64.63 -72.29
C GLU A 493 53.22 63.29 -71.55
N GLU A 494 52.08 63.07 -70.88
CA GLU A 494 51.90 61.88 -70.05
C GLU A 494 51.30 60.70 -70.81
N VAL A 495 51.75 59.50 -70.46
CA VAL A 495 51.29 58.27 -71.08
C VAL A 495 50.93 57.25 -70.00
N GLN A 496 49.92 56.43 -70.26
CA GLN A 496 49.55 55.35 -69.35
C GLN A 496 49.19 54.06 -70.09
N LEU A 497 50.15 53.16 -70.15
CA LEU A 497 49.89 51.84 -70.70
C LEU A 497 49.09 51.05 -69.68
N GLN A 498 47.90 50.60 -70.08
CA GLN A 498 47.03 49.89 -69.14
C GLN A 498 46.39 48.62 -69.71
N ALA A 499 46.20 47.64 -68.84
CA ALA A 499 45.50 46.40 -69.18
C ALA A 499 44.65 46.02 -67.99
N THR A 500 43.56 45.31 -68.25
CA THR A 500 42.69 44.84 -67.18
C THR A 500 42.81 43.32 -66.95
N ILE A 501 43.26 42.96 -65.76
CA ILE A 501 43.65 41.58 -65.47
C ILE A 501 42.59 40.79 -64.70
N GLU A 502 42.61 39.47 -64.89
CA GLU A 502 41.61 38.58 -64.35
C GLU A 502 42.32 37.34 -63.79
N GLY A 503 41.67 36.64 -62.86
CA GLY A 503 42.20 35.36 -62.41
C GLY A 503 42.47 35.27 -60.92
N ALA A 504 43.10 34.17 -60.51
CA ALA A 504 43.41 33.92 -59.09
C ALA A 504 44.17 35.09 -58.48
N GLU A 505 43.65 35.60 -57.37
CA GLU A 505 44.10 36.86 -56.79
C GLU A 505 45.59 36.99 -56.40
N PRO A 506 46.27 35.86 -56.13
CA PRO A 506 47.72 35.98 -55.92
C PRO A 506 48.48 36.24 -57.24
N ILE A 507 48.33 37.45 -57.79
CA ILE A 507 48.89 37.78 -59.12
C ILE A 507 50.14 38.67 -59.08
N SER A 508 51.02 38.50 -60.06
CA SER A 508 52.26 39.27 -60.14
C SER A 508 52.58 39.76 -61.54
N VAL A 509 52.62 41.09 -61.69
CA VAL A 509 52.86 41.70 -62.99
C VAL A 509 54.34 42.00 -63.22
N ALA A 510 54.76 41.86 -64.47
CA ALA A 510 56.15 42.10 -64.86
C ALA A 510 56.24 42.98 -66.11
N TRP A 511 57.01 44.06 -66.02
CA TRP A 511 57.12 45.01 -67.12
C TRP A 511 58.47 44.92 -67.84
N PHE A 512 58.43 44.72 -69.14
CA PHE A 512 59.64 44.56 -69.95
C PHE A 512 59.69 45.49 -71.14
N LYS A 513 60.90 45.67 -71.69
CA LYS A 513 61.12 46.57 -72.81
C LYS A 513 62.32 46.08 -73.61
N ASP A 514 62.08 45.39 -74.72
CA ASP A 514 63.15 44.83 -75.55
C ASP A 514 63.99 43.83 -74.76
N LYS A 515 63.30 43.03 -73.94
CA LYS A 515 63.89 41.99 -73.09
C LYS A 515 64.47 42.53 -71.78
N GLY A 516 64.70 43.84 -71.74
CA GLY A 516 65.25 44.50 -70.58
C GLY A 516 64.25 44.65 -69.44
N GLU A 517 64.62 44.17 -68.26
CA GLU A 517 63.76 44.20 -67.10
C GLU A 517 63.55 45.64 -66.60
N ILE A 518 62.32 46.15 -66.75
CA ILE A 518 62.01 47.54 -66.43
C ILE A 518 61.93 47.82 -64.93
N VAL A 519 62.51 48.93 -64.49
CA VAL A 519 62.42 49.36 -63.09
C VAL A 519 61.26 50.34 -62.91
N ARG A 520 61.41 51.32 -62.01
CA ARG A 520 60.35 52.32 -61.82
C ARG A 520 60.83 53.66 -61.24
N GLU A 521 61.98 54.14 -61.72
CA GLU A 521 62.48 55.45 -61.33
C GLU A 521 61.43 56.52 -61.58
N SER A 522 61.25 57.41 -60.62
CA SER A 522 60.21 58.44 -60.72
C SER A 522 60.65 59.70 -61.48
N ASP A 523 61.35 59.52 -62.59
CA ASP A 523 61.58 60.62 -63.52
C ASP A 523 60.30 60.75 -64.34
N ASN A 524 59.51 59.68 -64.31
CA ASN A 524 58.25 59.58 -65.03
C ASN A 524 57.61 58.20 -64.83
N ILE A 525 58.44 57.19 -64.60
CA ILE A 525 57.97 55.81 -64.49
C ILE A 525 57.37 55.44 -63.13
N TRP A 526 56.14 54.92 -63.18
CA TRP A 526 55.46 54.40 -61.99
C TRP A 526 54.67 53.13 -62.33
N ILE A 527 55.25 51.98 -61.99
CA ILE A 527 54.64 50.68 -62.28
C ILE A 527 53.69 50.25 -61.15
N SER A 528 52.51 49.75 -61.52
CA SER A 528 51.49 49.43 -60.52
C SER A 528 50.62 48.21 -60.82
N TYR A 529 49.64 48.00 -59.95
CA TYR A 529 48.59 47.01 -60.11
C TYR A 529 47.62 47.13 -58.95
N SER A 530 46.40 47.55 -59.22
CA SER A 530 45.39 47.66 -58.18
C SER A 530 44.00 47.42 -58.77
N GLU A 531 43.20 46.64 -58.05
CA GLU A 531 41.84 46.35 -58.48
C GLU A 531 41.80 45.90 -59.93
N ASN A 532 42.64 44.91 -60.25
CA ASN A 532 42.61 44.22 -61.55
C ASN A 532 43.00 45.07 -62.77
N ILE A 533 43.91 46.01 -62.57
CA ILE A 533 44.39 46.82 -63.68
C ILE A 533 45.84 47.29 -63.47
N ALA A 534 46.67 47.08 -64.49
CA ALA A 534 48.10 47.39 -64.39
C ALA A 534 48.41 48.62 -65.22
N THR A 535 49.23 49.51 -64.68
CA THR A 535 49.61 50.72 -65.38
C THR A 535 51.11 50.97 -65.35
N LEU A 536 51.71 51.07 -66.54
CA LEU A 536 53.08 51.53 -66.68
C LEU A 536 52.98 53.00 -67.03
N GLN A 537 52.97 53.83 -65.99
CA GLN A 537 52.73 55.26 -66.16
C GLN A 537 53.99 56.01 -66.55
N PHE A 538 53.80 57.16 -67.18
CA PHE A 538 54.90 58.05 -67.54
C PHE A 538 54.47 59.48 -67.26
N SER A 539 54.85 60.01 -66.11
CA SER A 539 54.50 61.38 -65.74
C SER A 539 55.05 62.40 -66.75
N ARG A 540 56.19 62.10 -67.37
CA ARG A 540 56.73 62.92 -68.44
C ARG A 540 57.45 62.12 -69.52
N ALA A 541 56.77 61.90 -70.64
CA ALA A 541 57.34 61.14 -71.75
C ALA A 541 58.57 61.83 -72.33
N GLU A 542 59.16 61.20 -73.34
CA GLU A 542 60.41 61.67 -73.94
C GLU A 542 61.00 60.59 -74.85
N PRO A 543 62.00 60.97 -75.67
CA PRO A 543 62.70 60.00 -76.52
C PRO A 543 63.19 58.79 -75.71
N ALA A 544 63.46 57.68 -76.40
CA ALA A 544 63.86 56.42 -75.75
C ALA A 544 62.69 55.68 -75.10
N ASN A 545 61.73 56.44 -74.58
CA ASN A 545 60.51 55.86 -74.04
C ASN A 545 59.61 55.33 -75.15
N ALA A 546 60.22 54.99 -76.28
CA ALA A 546 59.47 54.51 -77.43
C ALA A 546 59.96 53.13 -77.88
N GLY A 547 59.03 52.17 -77.93
CA GLY A 547 59.35 50.81 -78.35
C GLY A 547 58.36 49.82 -77.79
N LYS A 548 58.75 48.54 -77.78
CA LYS A 548 57.91 47.47 -77.22
C LYS A 548 57.81 47.56 -75.71
N TYR A 549 56.59 47.41 -75.20
CA TYR A 549 56.38 47.25 -73.77
C TYR A 549 55.50 46.04 -73.51
N THR A 550 56.13 44.98 -73.01
CA THR A 550 55.42 43.74 -72.76
C THR A 550 55.00 43.65 -71.29
N CYS A 551 53.71 43.37 -71.07
CA CYS A 551 53.18 43.19 -69.74
C CYS A 551 52.97 41.70 -69.48
N GLN A 552 53.49 41.20 -68.37
CA GLN A 552 53.42 39.78 -68.08
C GLN A 552 52.79 39.49 -66.72
N ILE A 553 51.48 39.30 -66.73
CA ILE A 553 50.76 38.84 -65.58
C ILE A 553 51.07 37.37 -65.35
N LYS A 554 51.05 36.95 -64.09
CA LYS A 554 51.67 35.69 -63.73
C LYS A 554 51.26 35.18 -62.33
N ASN A 555 50.25 34.32 -62.28
CA ASN A 555 49.93 33.60 -61.02
C ASN A 555 50.42 32.15 -61.05
N GLU A 556 49.78 31.28 -60.26
CA GLU A 556 50.24 29.89 -60.14
C GLU A 556 49.69 28.95 -61.21
N ALA A 557 48.51 29.27 -61.74
CA ALA A 557 47.85 28.43 -62.75
C ALA A 557 48.40 28.62 -64.16
N GLY A 558 49.22 29.66 -64.32
CA GLY A 558 49.84 29.96 -65.61
C GLY A 558 50.32 31.39 -65.73
N THR A 559 50.84 31.74 -66.92
CA THR A 559 51.28 33.12 -67.23
C THR A 559 50.86 33.52 -68.63
N GLN A 560 50.56 34.80 -68.81
CA GLN A 560 50.25 35.32 -70.14
C GLN A 560 50.82 36.73 -70.30
N GLU A 561 51.04 37.15 -71.55
CA GLU A 561 51.55 38.49 -71.82
C GLU A 561 50.96 39.09 -73.09
N CYS A 562 51.14 40.40 -73.23
CA CYS A 562 50.76 41.11 -74.44
C CYS A 562 51.62 42.35 -74.50
N PHE A 563 52.00 42.77 -75.70
CA PHE A 563 52.78 43.98 -75.83
C PHE A 563 51.96 45.14 -76.41
N ALA A 564 52.58 46.31 -76.44
CA ALA A 564 52.01 47.49 -77.06
C ALA A 564 53.15 48.46 -77.28
N THR A 565 53.18 49.09 -78.45
CA THR A 565 54.27 49.99 -78.78
C THR A 565 53.95 51.45 -78.50
N LEU A 566 54.75 52.05 -77.64
CA LEU A 566 54.69 53.49 -77.44
C LEU A 566 55.58 54.17 -78.48
N SER A 567 55.00 55.11 -79.23
CA SER A 567 55.75 55.84 -80.23
C SER A 567 55.74 57.33 -79.89
N VAL A 568 56.90 57.83 -79.45
CA VAL A 568 57.04 59.23 -79.10
C VAL A 568 57.35 60.11 -80.32
N LEU A 569 56.35 60.87 -80.76
CA LEU A 569 56.47 61.71 -81.93
C LEU A 569 57.19 63.02 -81.62
N GLU A 570 58.26 63.29 -82.36
CA GLU A 570 59.05 64.52 -82.22
C GLU A 570 58.67 65.51 -83.32
#